data_5J6A
#
_entry.id   5J6A
#
_cell.length_a   109.389
_cell.length_b   109.389
_cell.length_c   84.420
_cell.angle_alpha   90.00
_cell.angle_beta   90.00
_cell.angle_gamma   120.00
#
_symmetry.space_group_name_H-M   'P 64'
#
loop_
_entity.id
_entity.type
_entity.pdbx_description
1 polymer '[Pyruvate dehydrogenase (acetyl-transferring)] kinase isozyme 2, mitochondrial'
2 non-polymer (3S)-3-amino-4-[4-({2-[(2,4-dihydroxyphenyl)sulfonyl]-2H-isoindol-5-yl}amino)piperidin-1-yl]-4-oxobutanamide
3 water water
#
_entity_poly.entity_id   1
_entity_poly.type   'polypeptide(L)'
_entity_poly.pdbx_seq_one_letter_code
;SKNASLAGAPKYIEHFSKFSPSPLSMKQFLDFGSSNACEKTSFTFLRQELPVRLANIMKEINLLPDRVLSTPSVQLVQSW
YVQSLLDIMEFLDKDPEDHRTLSQFTDALVTIRNRHNDVVPTMAQGVLEYKDTYGDDPVSNQNIQYFLDRFYLSRISIRM
LINQHTLIFDGSTNPAHPKHIGSIDPNCNVSEVVKDAYDMAKLLCDKYYMASPDLEIQEINAANSKQPIHMVYVPSHLYH
MLFELFKNAMRATVESHESSLILPPIKVMVALGEEDLSIKMSDRGGGVPLRKIERLFSYMYSTAPTPQPGTGGTPLAGFG
YGLPISRLYAKYFQGDLQLFSMEGFGTDAVIYLKALSTDSVERLPVYNKSAWRHYQTIQEAGDWCVPSTEPKNTSTYRVS
;
_entity_poly.pdbx_strand_id   A
#
# COMPACT_ATOMS: atom_id res chain seq x y z
N ALA A 4 3.52 0.75 31.84
CA ALA A 4 3.65 1.67 30.71
C ALA A 4 2.42 2.56 30.61
N SER A 5 2.64 3.86 30.63
CA SER A 5 1.54 4.82 30.73
C SER A 5 1.80 6.02 29.83
N LEU A 6 0.72 6.74 29.52
CA LEU A 6 0.81 7.99 28.77
C LEU A 6 1.90 8.92 29.29
N ALA A 7 2.00 9.06 30.62
CA ALA A 7 2.94 10.04 31.19
C ALA A 7 4.38 9.80 30.77
N GLY A 8 4.75 8.56 30.46
CA GLY A 8 6.11 8.28 30.04
C GLY A 8 6.33 8.32 28.53
N ALA A 9 5.24 8.25 27.75
CA ALA A 9 5.30 8.10 26.29
C ALA A 9 6.40 8.89 25.60
N PRO A 10 6.59 10.20 25.85
CA PRO A 10 7.71 10.88 25.17
C PRO A 10 9.05 10.22 25.40
N LYS A 11 9.27 9.69 26.59
CA LYS A 11 10.52 8.98 26.88
C LYS A 11 10.60 7.69 26.08
N TYR A 12 9.51 6.93 26.02
CA TYR A 12 9.50 5.69 25.25
C TYR A 12 9.76 5.95 23.77
N ILE A 13 9.04 6.93 23.20
CA ILE A 13 9.25 7.31 21.80
C ILE A 13 10.71 7.67 21.56
N GLU A 14 11.27 8.50 22.44
CA GLU A 14 12.65 8.92 22.24
C GLU A 14 13.59 7.73 22.27
N HIS A 15 13.33 6.76 23.16
CA HIS A 15 14.21 5.60 23.24
C HIS A 15 14.16 4.75 21.97
N PHE A 16 12.96 4.32 21.59
CA PHE A 16 12.82 3.42 20.43
C PHE A 16 13.15 4.12 19.11
N SER A 17 13.07 5.46 19.08
CA SER A 17 13.43 6.18 17.86
C SER A 17 14.92 6.20 17.59
N LYS A 18 15.76 5.81 18.55
CA LYS A 18 17.19 5.75 18.28
C LYS A 18 17.56 4.54 17.44
N PHE A 19 16.70 3.51 17.40
CA PHE A 19 16.90 2.36 16.53
C PHE A 19 16.37 2.65 15.14
N SER A 20 17.02 2.00 14.11
CA SER A 20 16.47 2.04 12.76
CA SER A 20 16.47 2.04 12.76
C SER A 20 15.54 0.87 12.53
N PRO A 21 14.45 1.04 11.78
CA PRO A 21 13.64 -0.12 11.43
C PRO A 21 14.48 -1.11 10.64
N SER A 22 14.14 -2.40 10.74
CA SER A 22 14.87 -3.44 10.03
C SER A 22 14.08 -3.91 8.82
N PRO A 23 14.44 -3.49 7.61
CA PRO A 23 13.71 -3.95 6.41
C PRO A 23 13.88 -5.44 6.19
N LEU A 24 12.76 -6.15 6.05
CA LEU A 24 12.79 -7.58 5.77
C LEU A 24 12.62 -7.86 4.29
N SER A 25 13.18 -8.96 3.83
CA SER A 25 12.95 -9.44 2.46
C SER A 25 11.82 -10.45 2.45
N MET A 26 11.29 -10.71 1.25
CA MET A 26 10.31 -11.79 1.09
C MET A 26 10.76 -13.10 1.72
N LYS A 27 12.02 -13.48 1.55
CA LYS A 27 12.51 -14.73 2.14
C LYS A 27 12.46 -14.68 3.64
N GLN A 28 12.95 -13.60 4.21
CA GLN A 28 12.85 -13.43 5.64
C GLN A 28 11.42 -13.60 6.09
N PHE A 29 10.47 -13.05 5.33
CA PHE A 29 9.07 -13.21 5.67
C PHE A 29 8.64 -14.67 5.57
N LEU A 30 9.07 -15.38 4.52
CA LEU A 30 8.71 -16.79 4.41
C LEU A 30 9.29 -17.61 5.56
N ASP A 31 10.49 -17.26 6.05
CA ASP A 31 11.10 -18.02 7.14
C ASP A 31 10.41 -17.78 8.47
N PHE A 32 9.98 -16.55 8.73
CA PHE A 32 9.21 -16.28 9.94
C PHE A 32 7.92 -17.10 9.97
N GLY A 33 7.35 -17.40 8.81
CA GLY A 33 6.08 -18.08 8.76
C GLY A 33 6.12 -19.52 8.31
N SER A 34 7.25 -20.19 8.51
CA SER A 34 7.36 -21.60 8.17
C SER A 34 6.94 -22.45 9.37
N CYS A 38 8.08 -21.15 15.60
CA CYS A 38 8.56 -19.83 15.17
C CYS A 38 7.76 -18.70 15.82
N GLU A 39 6.64 -19.04 16.45
CA GLU A 39 5.79 -18.03 17.08
C GLU A 39 6.55 -17.25 18.15
N LYS A 40 7.31 -17.94 18.99
CA LYS A 40 8.10 -17.25 19.99
C LYS A 40 9.10 -16.31 19.33
N THR A 41 9.65 -16.74 18.18
CA THR A 41 10.63 -15.94 17.46
C THR A 41 9.97 -14.71 16.84
N SER A 42 8.79 -14.88 16.24
CA SER A 42 8.06 -13.73 15.72
C SER A 42 7.68 -12.77 16.84
N PHE A 43 7.15 -13.31 17.95
CA PHE A 43 6.81 -12.46 19.09
C PHE A 43 8.02 -11.68 19.60
N THR A 44 9.15 -12.36 19.75
CA THR A 44 10.35 -11.70 20.24
C THR A 44 10.86 -10.66 19.27
N PHE A 45 10.76 -10.93 17.96
CA PHE A 45 11.13 -9.91 16.97
C PHE A 45 10.19 -8.72 17.03
N LEU A 46 8.88 -8.97 17.01
CA LEU A 46 7.91 -7.89 16.86
C LEU A 46 7.78 -7.02 18.09
N ARG A 47 8.00 -7.56 19.29
CA ARG A 47 7.87 -6.69 20.46
C ARG A 47 9.00 -5.68 20.55
N GLN A 48 10.05 -5.84 19.75
CA GLN A 48 11.06 -4.79 19.58
C GLN A 48 10.87 -3.99 18.30
N GLU A 49 10.58 -4.68 17.18
CA GLU A 49 10.50 -4.00 15.89
C GLU A 49 9.28 -3.08 15.80
N LEU A 50 8.11 -3.53 16.26
CA LEU A 50 6.92 -2.68 16.18
C LEU A 50 7.11 -1.40 16.97
N PRO A 51 7.56 -1.42 18.24
CA PRO A 51 7.87 -0.15 18.91
C PRO A 51 8.87 0.70 18.14
N VAL A 52 9.87 0.08 17.48
CA VAL A 52 10.81 0.89 16.72
C VAL A 52 10.11 1.57 15.52
N ARG A 53 9.27 0.85 14.81
CA ARG A 53 8.61 1.45 13.65
C ARG A 53 7.61 2.51 14.07
N LEU A 54 6.79 2.21 15.08
CA LEU A 54 5.85 3.20 15.63
C LEU A 54 6.60 4.47 16.06
N ALA A 55 7.74 4.31 16.74
CA ALA A 55 8.43 5.46 17.28
C ALA A 55 9.12 6.26 16.19
N ASN A 56 9.65 5.60 15.15
CA ASN A 56 10.33 6.38 14.12
C ASN A 56 9.32 7.28 13.39
N ILE A 57 8.10 6.79 13.15
CA ILE A 57 7.14 7.63 12.45
C ILE A 57 6.54 8.66 13.42
N MET A 58 6.30 8.29 14.68
CA MET A 58 5.83 9.29 15.64
C MET A 58 6.83 10.44 15.76
N LYS A 59 8.13 10.11 15.68
CA LYS A 59 9.15 11.14 15.79
C LYS A 59 9.11 12.10 14.61
N GLU A 60 8.87 11.58 13.41
CA GLU A 60 8.82 12.44 12.23
C GLU A 60 7.56 13.29 12.21
N ILE A 61 6.43 12.72 12.68
CA ILE A 61 5.21 13.49 12.84
C ILE A 61 5.47 14.72 13.70
N ASN A 62 6.28 14.59 14.76
CA ASN A 62 6.58 15.71 15.66
C ASN A 62 7.42 16.79 15.02
N LEU A 63 7.95 16.57 13.82
CA LEU A 63 8.70 17.60 13.12
C LEU A 63 7.84 18.39 12.15
N LEU A 64 6.56 18.06 12.06
CA LEU A 64 5.64 18.85 11.26
C LEU A 64 5.43 20.21 11.91
N PRO A 65 5.16 21.25 11.11
CA PRO A 65 4.90 22.58 11.67
C PRO A 65 3.75 22.55 12.68
N ASP A 66 3.75 23.50 13.61
CA ASP A 66 2.69 23.51 14.62
C ASP A 66 1.32 23.72 13.99
N ARG A 67 1.24 24.46 12.88
CA ARG A 67 -0.05 24.64 12.22
C ARG A 67 -0.60 23.34 11.65
N VAL A 68 0.25 22.32 11.48
CA VAL A 68 -0.19 20.98 11.12
C VAL A 68 -0.40 20.11 12.36
N LEU A 69 0.59 20.12 13.26
CA LEU A 69 0.54 19.34 14.48
C LEU A 69 -0.70 19.64 15.32
N SER A 70 -1.14 20.89 15.32
CA SER A 70 -2.24 21.28 16.21
C SER A 70 -3.62 20.97 15.65
N THR A 71 -3.72 20.29 14.50
CA THR A 71 -5.03 20.00 13.93
C THR A 71 -5.63 18.76 14.59
N PRO A 72 -6.96 18.66 14.64
CA PRO A 72 -7.55 17.49 15.30
C PRO A 72 -7.16 16.17 14.66
N SER A 73 -7.02 16.12 13.33
CA SER A 73 -6.79 14.84 12.67
C SER A 73 -5.42 14.28 13.05
N VAL A 74 -4.38 15.12 13.04
CA VAL A 74 -3.04 14.66 13.42
C VAL A 74 -2.98 14.30 14.91
N GLN A 75 -3.67 15.06 15.77
CA GLN A 75 -3.70 14.72 17.19
C GLN A 75 -4.38 13.37 17.40
N LEU A 76 -5.49 13.15 16.72
CA LEU A 76 -6.17 11.87 16.84
C LEU A 76 -5.26 10.73 16.42
N VAL A 77 -4.61 10.86 15.26
CA VAL A 77 -3.75 9.79 14.77
C VAL A 77 -2.58 9.58 15.73
N GLN A 78 -1.96 10.67 16.18
CA GLN A 78 -0.88 10.56 17.17
CA GLN A 78 -0.88 10.56 17.17
C GLN A 78 -1.35 9.78 18.39
N SER A 79 -2.54 10.11 18.91
CA SER A 79 -3.03 9.41 20.09
C SER A 79 -3.16 7.90 19.83
N TRP A 80 -3.54 7.51 18.60
CA TRP A 80 -3.64 6.08 18.29
C TRP A 80 -2.27 5.42 18.34
N TYR A 81 -1.27 6.06 17.75
CA TYR A 81 0.08 5.48 17.73
C TYR A 81 0.65 5.37 19.14
N VAL A 82 0.47 6.41 19.97
CA VAL A 82 0.94 6.33 21.36
C VAL A 82 0.33 5.11 22.05
N GLN A 83 -1.00 5.00 22.01
CA GLN A 83 -1.66 3.89 22.67
C GLN A 83 -1.18 2.53 22.14
N SER A 84 -0.87 2.45 20.84
CA SER A 84 -0.43 1.18 20.28
C SER A 84 0.98 0.83 20.77
N LEU A 85 1.87 1.82 20.82
CA LEU A 85 3.19 1.63 21.41
C LEU A 85 3.06 1.13 22.85
N LEU A 86 2.24 1.82 23.65
CA LEU A 86 1.97 1.38 25.03
C LEU A 86 1.48 -0.06 25.06
N ASP A 87 0.51 -0.40 24.21
CA ASP A 87 -0.03 -1.75 24.16
C ASP A 87 1.05 -2.80 23.98
N ILE A 88 2.04 -2.52 23.12
CA ILE A 88 3.11 -3.49 22.86
C ILE A 88 4.15 -3.47 23.98
N MET A 89 4.42 -2.32 24.57
CA MET A 89 5.44 -2.27 25.62
C MET A 89 5.10 -3.13 26.83
N GLU A 90 3.82 -3.44 27.06
CA GLU A 90 3.47 -4.30 28.18
C GLU A 90 4.04 -5.71 28.02
N PHE A 91 4.46 -6.09 26.83
CA PHE A 91 4.99 -7.42 26.57
C PHE A 91 6.50 -7.50 26.66
N LEU A 92 7.17 -6.36 26.89
CA LEU A 92 8.63 -6.33 26.90
C LEU A 92 9.23 -7.13 28.04
N ASP A 93 8.49 -7.31 29.14
CA ASP A 93 8.99 -8.05 30.29
C ASP A 93 8.24 -9.38 30.47
N LYS A 94 7.56 -9.87 29.43
CA LYS A 94 6.78 -11.09 29.53
C LYS A 94 7.55 -12.29 28.97
N ASP A 95 7.03 -13.49 29.24
CA ASP A 95 7.77 -14.71 28.98
C ASP A 95 7.32 -15.35 27.68
N PRO A 96 8.21 -15.46 26.69
CA PRO A 96 7.83 -16.12 25.44
C PRO A 96 7.42 -17.57 25.63
N GLU A 97 7.94 -18.26 26.66
CA GLU A 97 7.64 -19.66 26.88
C GLU A 97 6.21 -19.89 27.28
N ASP A 98 5.48 -18.82 27.46
CA ASP A 98 4.21 -18.92 28.15
C ASP A 98 3.11 -18.62 27.13
N HIS A 99 2.47 -19.67 26.63
CA HIS A 99 1.50 -19.52 25.54
C HIS A 99 0.31 -18.62 25.88
N ARG A 100 0.20 -18.14 27.12
CA ARG A 100 -0.81 -17.10 27.35
C ARG A 100 -0.27 -15.73 26.94
N THR A 101 1.04 -15.52 27.12
CA THR A 101 1.70 -14.35 26.56
C THR A 101 1.40 -14.25 25.07
N LEU A 102 1.64 -15.37 24.35
CA LEU A 102 1.57 -15.34 22.90
C LEU A 102 0.16 -15.12 22.40
N SER A 103 -0.82 -15.80 23.00
CA SER A 103 -2.19 -15.56 22.58
C SER A 103 -2.65 -14.16 22.93
N GLN A 104 -2.14 -13.60 24.03
CA GLN A 104 -2.44 -12.23 24.40
C GLN A 104 -1.84 -11.26 23.40
N PHE A 105 -0.57 -11.48 23.02
CA PHE A 105 0.09 -10.67 22.01
C PHE A 105 -0.71 -10.61 20.73
N THR A 106 -1.09 -11.78 20.20
CA THR A 106 -1.90 -11.82 18.98
C THR A 106 -3.19 -11.03 19.15
N ASP A 107 -3.79 -11.10 20.34
CA ASP A 107 -4.99 -10.32 20.59
C ASP A 107 -4.70 -8.82 20.56
N ALA A 108 -3.57 -8.42 21.17
CA ALA A 108 -3.20 -7.01 21.18
C ALA A 108 -2.85 -6.50 19.79
N LEU A 109 -2.31 -7.37 18.93
CA LEU A 109 -2.03 -6.95 17.56
C LEU A 109 -3.32 -6.74 16.77
N VAL A 110 -4.31 -7.63 16.93
CA VAL A 110 -5.57 -7.44 16.22
C VAL A 110 -6.24 -6.16 16.69
N THR A 111 -6.04 -5.81 17.96
CA THR A 111 -6.60 -4.60 18.53
C THR A 111 -5.92 -3.38 17.96
N ILE A 112 -4.60 -3.43 17.84
CA ILE A 112 -3.86 -2.32 17.24
C ILE A 112 -4.27 -2.13 15.79
N ARG A 113 -4.30 -3.23 15.02
CA ARG A 113 -4.62 -3.10 13.60
C ARG A 113 -5.98 -2.45 13.41
N ASN A 114 -6.98 -2.90 14.18
CA ASN A 114 -8.32 -2.37 14.05
C ASN A 114 -8.38 -0.91 14.52
N ARG A 115 -7.67 -0.58 15.60
CA ARG A 115 -7.56 0.81 16.05
C ARG A 115 -7.09 1.74 14.93
N HIS A 116 -6.16 1.29 14.10
CA HIS A 116 -5.60 2.13 13.06
C HIS A 116 -6.33 2.04 11.73
N ASN A 117 -7.50 1.39 11.70
CA ASN A 117 -8.16 1.14 10.42
C ASN A 117 -8.50 2.41 9.66
N ASP A 118 -8.71 3.53 10.37
CA ASP A 118 -9.22 4.75 9.75
C ASP A 118 -8.17 5.82 9.57
N VAL A 119 -6.87 5.44 9.55
CA VAL A 119 -5.80 6.43 9.49
C VAL A 119 -5.86 7.22 8.19
N VAL A 120 -6.14 6.54 7.07
CA VAL A 120 -6.06 7.21 5.76
C VAL A 120 -7.16 8.26 5.65
N PRO A 121 -8.44 7.94 5.86
CA PRO A 121 -9.45 9.01 5.79
C PRO A 121 -9.26 10.08 6.86
N THR A 122 -8.68 9.73 8.02
CA THR A 122 -8.40 10.75 9.03
C THR A 122 -7.33 11.72 8.55
N MET A 123 -6.19 11.21 8.06
CA MET A 123 -5.16 12.09 7.52
C MET A 123 -5.66 12.84 6.30
N ALA A 124 -6.51 12.20 5.49
CA ALA A 124 -7.07 12.88 4.33
C ALA A 124 -7.91 14.10 4.73
N GLN A 125 -8.65 13.98 5.83
CA GLN A 125 -9.42 15.13 6.34
C GLN A 125 -8.49 16.28 6.70
N GLY A 126 -7.33 15.94 7.30
CA GLY A 126 -6.34 16.96 7.62
C GLY A 126 -5.84 17.69 6.39
N VAL A 127 -5.67 16.97 5.27
CA VAL A 127 -5.17 17.61 4.05
C VAL A 127 -6.23 18.56 3.49
N LEU A 128 -7.49 18.10 3.44
CA LEU A 128 -8.61 18.96 3.01
C LEU A 128 -8.65 20.26 3.80
N GLU A 129 -8.46 20.16 5.12
CA GLU A 129 -8.45 21.34 5.98
C GLU A 129 -7.29 22.24 5.64
N TYR A 130 -6.10 21.65 5.51
CA TYR A 130 -4.92 22.44 5.18
C TYR A 130 -5.14 23.26 3.91
N LYS A 131 -5.71 22.64 2.88
CA LYS A 131 -5.95 23.35 1.62
C LYS A 131 -6.83 24.58 1.83
N ASP A 132 -7.85 24.46 2.69
CA ASP A 132 -8.73 25.60 2.94
C ASP A 132 -8.18 26.56 3.98
N THR A 133 -7.35 26.09 4.90
CA THR A 133 -6.89 27.03 5.91
C THR A 133 -5.59 27.72 5.51
N TYR A 134 -4.76 27.10 4.66
CA TYR A 134 -3.49 27.73 4.26
C TYR A 134 -3.23 27.75 2.75
N GLY A 135 -3.96 26.98 1.94
CA GLY A 135 -3.85 27.10 0.51
C GLY A 135 -3.09 25.93 -0.12
N ASP A 136 -3.35 25.71 -1.41
CA ASP A 136 -2.78 24.56 -2.12
C ASP A 136 -1.71 25.03 -3.11
N ASP A 137 -0.61 25.54 -2.55
CA ASP A 137 0.53 26.04 -3.31
C ASP A 137 1.55 24.93 -3.56
N PRO A 138 2.46 25.12 -4.53
CA PRO A 138 3.35 24.02 -4.92
C PRO A 138 4.34 23.60 -3.84
N VAL A 139 4.76 24.51 -2.97
CA VAL A 139 5.67 24.14 -1.89
C VAL A 139 4.92 23.36 -0.81
N SER A 140 3.66 23.69 -0.57
CA SER A 140 2.83 22.91 0.33
C SER A 140 2.62 21.51 -0.22
N ASN A 141 2.29 21.42 -1.51
CA ASN A 141 2.07 20.11 -2.13
C ASN A 141 3.30 19.23 -1.97
N GLN A 142 4.50 19.79 -2.15
CA GLN A 142 5.70 18.98 -2.08
C GLN A 142 6.01 18.52 -0.65
N ASN A 143 5.74 19.37 0.34
CA ASN A 143 5.96 18.96 1.72
C ASN A 143 4.96 17.91 2.15
N ILE A 144 3.72 18.05 1.69
CA ILE A 144 2.68 17.09 2.01
C ILE A 144 2.98 15.75 1.35
N GLN A 145 3.30 15.79 0.05
CA GLN A 145 3.66 14.57 -0.67
C GLN A 145 4.81 13.85 0.04
N TYR A 146 5.85 14.58 0.42
CA TYR A 146 6.99 13.95 1.07
C TYR A 146 6.57 13.28 2.38
N PHE A 147 5.81 14.00 3.20
CA PHE A 147 5.48 13.45 4.50
C PHE A 147 4.52 12.27 4.37
N LEU A 148 3.48 12.40 3.55
CA LEU A 148 2.46 11.36 3.51
C LEU A 148 2.97 10.09 2.83
N ASP A 149 3.81 10.21 1.78
CA ASP A 149 4.42 9.00 1.22
C ASP A 149 5.15 8.21 2.30
N ARG A 150 5.96 8.90 3.10
CA ARG A 150 6.72 8.24 4.17
C ARG A 150 5.79 7.70 5.25
N PHE A 151 4.82 8.51 5.68
CA PHE A 151 3.88 8.09 6.73
C PHE A 151 3.08 6.88 6.27
N TYR A 152 2.52 6.94 5.07
CA TYR A 152 1.68 5.84 4.58
C TYR A 152 2.51 4.58 4.31
N LEU A 153 3.73 4.73 3.78
CA LEU A 153 4.59 3.56 3.59
C LEU A 153 4.95 2.92 4.94
N SER A 154 5.29 3.74 5.94
CA SER A 154 5.48 3.23 7.29
C SER A 154 4.28 2.43 7.74
N ARG A 155 3.07 2.97 7.55
CA ARG A 155 1.86 2.29 7.98
CA ARG A 155 1.86 2.28 7.97
C ARG A 155 1.67 0.96 7.24
N ILE A 156 1.93 0.93 5.93
CA ILE A 156 1.80 -0.33 5.20
C ILE A 156 2.72 -1.39 5.80
N SER A 157 3.94 -1.00 6.15
CA SER A 157 4.91 -1.95 6.67
C SER A 157 4.50 -2.45 8.06
N ILE A 158 3.92 -1.59 8.90
CA ILE A 158 3.45 -2.03 10.19
C ILE A 158 2.29 -3.00 10.03
N ARG A 159 1.36 -2.67 9.12
CA ARG A 159 0.25 -3.59 8.89
C ARG A 159 0.74 -4.93 8.33
N MET A 160 1.75 -4.91 7.47
CA MET A 160 2.33 -6.16 6.94
C MET A 160 2.84 -7.06 8.07
N LEU A 161 3.67 -6.49 8.96
CA LEU A 161 4.17 -7.25 10.11
C LEU A 161 3.03 -7.83 10.94
N ILE A 162 2.02 -7.01 11.25
CA ILE A 162 0.91 -7.49 12.05
C ILE A 162 0.15 -8.58 11.30
N ASN A 163 -0.15 -8.34 10.01
CA ASN A 163 -0.84 -9.36 9.22
C ASN A 163 -0.10 -10.68 9.22
N GLN A 164 1.22 -10.65 9.07
CA GLN A 164 1.97 -11.90 9.01
C GLN A 164 1.83 -12.68 10.33
N HIS A 165 1.94 -11.98 11.46
CA HIS A 165 1.87 -12.67 12.74
C HIS A 165 0.47 -13.25 12.98
N THR A 166 -0.57 -12.42 12.85
CA THR A 166 -1.89 -12.89 13.26
C THR A 166 -2.49 -13.88 12.28
N LEU A 167 -2.06 -13.84 11.02
CA LEU A 167 -2.59 -14.77 10.02
C LEU A 167 -1.94 -16.14 10.14
N ILE A 168 -0.66 -16.16 10.51
CA ILE A 168 0.07 -17.42 10.55
C ILE A 168 -0.18 -18.14 11.87
N PHE A 169 -0.07 -17.42 12.97
CA PHE A 169 -0.19 -18.01 14.30
C PHE A 169 -1.61 -17.81 14.85
N ASP A 170 -2.55 -18.56 14.28
CA ASP A 170 -3.94 -18.52 14.72
C ASP A 170 -4.24 -19.63 15.73
N HIS A 180 -0.10 -20.89 1.15
CA HIS A 180 0.04 -19.47 1.48
C HIS A 180 0.74 -19.31 2.81
N ILE A 181 1.52 -18.25 2.95
CA ILE A 181 2.25 -17.96 4.18
C ILE A 181 1.72 -16.61 4.66
N GLY A 182 0.65 -16.63 5.44
CA GLY A 182 0.00 -15.40 5.87
C GLY A 182 -0.57 -14.66 4.67
N SER A 183 -0.15 -13.43 4.46
CA SER A 183 -0.61 -12.67 3.31
C SER A 183 0.26 -12.88 2.07
N ILE A 184 1.29 -13.73 2.16
CA ILE A 184 2.21 -13.97 1.04
C ILE A 184 1.83 -15.25 0.32
N ASP A 185 1.74 -15.18 -1.02
CA ASP A 185 1.56 -16.35 -1.87
C ASP A 185 2.90 -16.66 -2.54
N PRO A 186 3.57 -17.74 -2.14
CA PRO A 186 4.85 -18.11 -2.77
C PRO A 186 4.73 -18.46 -4.26
N ASN A 187 3.53 -18.76 -4.73
CA ASN A 187 3.27 -19.07 -6.14
CA ASN A 187 3.27 -19.07 -6.14
C ASN A 187 2.09 -18.25 -6.64
N CYS A 188 2.16 -16.94 -6.44
CA CYS A 188 1.09 -16.06 -6.91
C CYS A 188 1.02 -16.08 -8.43
N ASN A 189 -0.14 -16.48 -8.97
CA ASN A 189 -0.37 -16.45 -10.41
C ASN A 189 -0.86 -15.06 -10.78
N VAL A 190 -0.02 -14.27 -11.44
CA VAL A 190 -0.33 -12.86 -11.63
C VAL A 190 -1.61 -12.69 -12.45
N SER A 191 -1.79 -13.48 -13.52
CA SER A 191 -2.94 -13.28 -14.40
C SER A 191 -4.26 -13.55 -13.69
N GLU A 192 -4.25 -14.48 -12.72
CA GLU A 192 -5.46 -14.73 -11.94
C GLU A 192 -5.83 -13.53 -11.07
N VAL A 193 -4.84 -12.87 -10.46
CA VAL A 193 -5.15 -11.68 -9.68
C VAL A 193 -5.64 -10.57 -10.60
N VAL A 194 -5.06 -10.46 -11.80
CA VAL A 194 -5.56 -9.49 -12.78
C VAL A 194 -7.03 -9.76 -13.08
N LYS A 195 -7.37 -11.03 -13.33
CA LYS A 195 -8.75 -11.34 -13.68
C LYS A 195 -9.69 -11.08 -12.50
N ASP A 196 -9.27 -11.41 -11.28
CA ASP A 196 -10.10 -11.13 -10.10
C ASP A 196 -10.42 -9.65 -9.99
N ALA A 197 -9.39 -8.80 -10.03
CA ALA A 197 -9.63 -7.36 -9.91
C ALA A 197 -10.49 -6.83 -11.07
N TYR A 198 -10.27 -7.34 -12.28
CA TYR A 198 -11.12 -6.95 -13.42
C TYR A 198 -12.57 -7.33 -13.17
N ASP A 199 -12.80 -8.60 -12.78
CA ASP A 199 -14.17 -9.06 -12.53
C ASP A 199 -14.88 -8.19 -11.51
N MET A 200 -14.18 -7.80 -10.44
CA MET A 200 -14.79 -6.93 -9.45
C MET A 200 -15.07 -5.56 -10.01
N ALA A 201 -14.10 -4.97 -10.74
CA ALA A 201 -14.34 -3.64 -11.31
C ALA A 201 -15.50 -3.69 -12.30
N LYS A 202 -15.62 -4.78 -13.06
CA LYS A 202 -16.69 -4.92 -14.04
C LYS A 202 -18.07 -4.96 -13.38
N LEU A 203 -18.17 -5.66 -12.24
CA LEU A 203 -19.42 -5.64 -11.46
C LEU A 203 -19.82 -4.22 -11.14
N LEU A 204 -18.88 -3.43 -10.63
CA LEU A 204 -19.18 -2.05 -10.28
C LEU A 204 -19.47 -1.23 -11.54
N CYS A 205 -18.69 -1.45 -12.59
CA CYS A 205 -18.86 -0.69 -13.81
C CYS A 205 -20.20 -1.01 -14.46
N ASP A 206 -20.57 -2.29 -14.50
CA ASP A 206 -21.88 -2.69 -15.03
C ASP A 206 -23.00 -2.02 -14.26
N LYS A 207 -22.92 -2.01 -12.92
CA LYS A 207 -23.93 -1.36 -12.09
C LYS A 207 -24.12 0.10 -12.49
N TYR A 208 -23.03 0.87 -12.48
CA TYR A 208 -23.13 2.32 -12.57
C TYR A 208 -23.29 2.82 -14.02
N TYR A 209 -22.69 2.13 -14.99
CA TYR A 209 -22.68 2.61 -16.37
C TYR A 209 -23.46 1.73 -17.32
N MET A 210 -23.95 0.58 -16.87
CA MET A 210 -24.75 -0.39 -17.61
C MET A 210 -23.90 -1.31 -18.46
N ALA A 211 -22.69 -0.89 -18.85
CA ALA A 211 -21.81 -1.75 -19.62
C ALA A 211 -20.36 -1.55 -19.20
N SER A 212 -19.49 -2.40 -19.72
CA SER A 212 -18.10 -2.46 -19.31
C SER A 212 -17.26 -2.91 -20.48
N PRO A 213 -16.02 -2.44 -20.57
CA PRO A 213 -15.09 -3.00 -21.55
C PRO A 213 -14.77 -4.44 -21.22
N ASP A 214 -14.39 -5.20 -22.23
CA ASP A 214 -13.79 -6.51 -22.05
C ASP A 214 -12.36 -6.39 -21.55
N LEU A 215 -11.81 -7.54 -21.18
CA LEU A 215 -10.42 -7.69 -20.75
C LEU A 215 -9.71 -8.61 -21.72
N GLU A 216 -8.54 -8.21 -22.19
CA GLU A 216 -7.65 -9.11 -22.90
C GLU A 216 -6.36 -9.15 -22.11
N ILE A 217 -5.89 -10.36 -21.81
CA ILE A 217 -4.63 -10.53 -21.11
C ILE A 217 -3.68 -11.21 -22.05
N GLN A 218 -2.43 -10.75 -22.07
CA GLN A 218 -1.34 -11.39 -22.78
C GLN A 218 -0.19 -11.56 -21.81
N GLU A 219 0.42 -12.74 -21.78
CA GLU A 219 1.61 -12.97 -20.99
C GLU A 219 2.84 -13.11 -21.88
N ILE A 220 3.94 -12.49 -21.47
CA ILE A 220 5.25 -12.62 -22.10
C ILE A 220 6.18 -13.18 -21.04
N ASN A 221 6.45 -14.48 -21.09
CA ASN A 221 7.40 -15.09 -20.17
C ASN A 221 8.69 -15.29 -20.96
N ALA A 222 9.56 -14.29 -20.89
CA ALA A 222 10.69 -14.21 -21.82
C ALA A 222 11.57 -15.46 -21.74
N ALA A 223 11.90 -15.89 -20.53
CA ALA A 223 12.81 -17.02 -20.39
C ALA A 223 12.12 -18.36 -20.55
N ASN A 224 10.80 -18.41 -20.53
CA ASN A 224 10.05 -19.68 -20.54
C ASN A 224 8.71 -19.45 -21.22
N SER A 225 8.77 -19.34 -22.55
CA SER A 225 7.65 -18.85 -23.35
C SER A 225 6.34 -19.54 -23.04
N LYS A 226 6.36 -20.81 -22.70
CA LYS A 226 5.07 -21.46 -22.52
C LYS A 226 4.47 -21.20 -21.14
N GLN A 227 5.32 -21.02 -20.12
CA GLN A 227 4.92 -21.26 -18.74
C GLN A 227 4.13 -20.09 -18.17
N PRO A 228 2.97 -20.34 -17.51
CA PRO A 228 2.30 -19.26 -16.78
C PRO A 228 3.24 -18.51 -15.85
N ILE A 229 2.95 -17.23 -15.68
CA ILE A 229 3.83 -16.34 -14.91
C ILE A 229 3.38 -16.33 -13.45
N HIS A 230 4.27 -16.79 -12.55
N HIS A 230 4.27 -16.78 -12.56
CA HIS A 230 4.04 -16.80 -11.11
CA HIS A 230 4.04 -16.78 -11.11
C HIS A 230 5.16 -16.01 -10.44
C HIS A 230 5.17 -16.05 -10.42
N MET A 231 4.92 -15.63 -9.18
CA MET A 231 5.92 -14.91 -8.41
C MET A 231 5.59 -15.08 -6.93
N VAL A 232 6.55 -14.75 -6.08
CA VAL A 232 6.31 -14.58 -4.64
C VAL A 232 5.84 -13.16 -4.42
N TYR A 233 4.62 -13.00 -3.91
CA TYR A 233 4.12 -11.65 -3.67
C TYR A 233 2.98 -11.69 -2.66
N VAL A 234 2.48 -10.50 -2.31
CA VAL A 234 1.34 -10.33 -1.43
C VAL A 234 0.15 -10.07 -2.34
N PRO A 235 -0.67 -11.07 -2.64
CA PRO A 235 -1.69 -10.87 -3.68
C PRO A 235 -2.72 -9.81 -3.31
N SER A 236 -3.02 -9.60 -2.01
CA SER A 236 -3.95 -8.53 -1.68
C SER A 236 -3.38 -7.18 -2.06
N HIS A 237 -2.06 -6.98 -1.91
CA HIS A 237 -1.48 -5.72 -2.37
C HIS A 237 -1.60 -5.60 -3.88
N LEU A 238 -1.33 -6.69 -4.61
CA LEU A 238 -1.41 -6.64 -6.06
C LEU A 238 -2.84 -6.35 -6.49
N TYR A 239 -3.81 -7.00 -5.83
CA TYR A 239 -5.21 -6.73 -6.11
C TYR A 239 -5.56 -5.26 -5.91
N HIS A 240 -5.16 -4.66 -4.77
CA HIS A 240 -5.45 -3.24 -4.55
C HIS A 240 -4.99 -2.39 -5.73
N MET A 241 -3.73 -2.58 -6.16
CA MET A 241 -3.18 -1.79 -7.24
C MET A 241 -3.97 -1.98 -8.53
N LEU A 242 -4.22 -3.25 -8.90
CA LEU A 242 -4.89 -3.57 -10.16
C LEU A 242 -6.34 -3.10 -10.15
N PHE A 243 -7.04 -3.28 -9.03
CA PHE A 243 -8.42 -2.81 -8.92
C PHE A 243 -8.50 -1.31 -9.10
N GLU A 244 -7.64 -0.56 -8.42
CA GLU A 244 -7.62 0.88 -8.62
C GLU A 244 -7.35 1.23 -10.09
N LEU A 245 -6.41 0.52 -10.73
CA LEU A 245 -6.12 0.84 -12.12
C LEU A 245 -7.31 0.51 -13.03
N PHE A 246 -7.92 -0.68 -12.86
CA PHE A 246 -9.08 -1.03 -13.66
C PHE A 246 -10.19 -0.01 -13.53
N LYS A 247 -10.44 0.47 -12.31
CA LYS A 247 -11.50 1.44 -12.09
C LYS A 247 -11.28 2.70 -12.94
N ASN A 248 -10.06 3.24 -12.93
CA ASN A 248 -9.75 4.41 -13.76
C ASN A 248 -9.87 4.09 -15.23
N ALA A 249 -9.31 2.95 -15.66
CA ALA A 249 -9.33 2.62 -17.09
C ALA A 249 -10.76 2.39 -17.58
N MET A 250 -11.62 1.83 -16.73
CA MET A 250 -13.00 1.57 -17.16
C MET A 250 -13.79 2.85 -17.23
N ARG A 251 -13.67 3.69 -16.19
CA ARG A 251 -14.34 4.98 -16.17
C ARG A 251 -13.91 5.82 -17.38
N ALA A 252 -12.61 5.86 -17.66
CA ALA A 252 -12.15 6.58 -18.85
C ALA A 252 -12.75 5.98 -20.11
N THR A 253 -12.74 4.65 -20.23
CA THR A 253 -13.19 4.04 -21.46
C THR A 253 -14.69 4.30 -21.67
N VAL A 254 -15.51 4.08 -20.64
CA VAL A 254 -16.96 4.25 -20.79
CA VAL A 254 -16.95 4.24 -20.81
C VAL A 254 -17.32 5.71 -21.04
N GLU A 255 -16.80 6.61 -20.20
CA GLU A 255 -17.23 7.99 -20.33
C GLU A 255 -16.71 8.66 -21.60
N SER A 256 -15.62 8.18 -22.19
CA SER A 256 -15.18 8.81 -23.43
C SER A 256 -15.84 8.21 -24.66
N HIS A 257 -16.65 7.16 -24.50
CA HIS A 257 -17.30 6.52 -25.64
C HIS A 257 -18.82 6.57 -25.54
N GLU A 258 -19.36 7.62 -24.94
CA GLU A 258 -20.80 7.70 -24.74
C GLU A 258 -21.53 7.91 -26.06
N SER A 259 -21.00 8.78 -26.92
CA SER A 259 -21.56 9.00 -28.25
C SER A 259 -21.16 7.91 -29.23
N SER A 260 -20.44 6.92 -28.77
CA SER A 260 -19.94 5.82 -29.58
C SER A 260 -20.71 4.56 -29.21
N LEU A 261 -20.52 3.52 -30.03
CA LEU A 261 -21.29 2.29 -29.89
C LEU A 261 -20.49 1.15 -29.25
N ILE A 262 -19.24 0.94 -29.70
CA ILE A 262 -18.37 -0.11 -29.19
C ILE A 262 -17.51 0.42 -28.06
N LEU A 263 -17.22 -0.42 -27.08
CA LEU A 263 -16.26 -0.09 -26.03
C LEU A 263 -14.99 -0.85 -26.31
N PRO A 264 -13.86 -0.17 -26.58
CA PRO A 264 -12.63 -0.90 -26.80
C PRO A 264 -12.26 -1.66 -25.53
N PRO A 265 -11.63 -2.82 -25.66
CA PRO A 265 -11.28 -3.57 -24.46
C PRO A 265 -10.16 -2.88 -23.69
N ILE A 266 -10.00 -3.32 -22.45
CA ILE A 266 -8.81 -2.98 -21.66
C ILE A 266 -7.83 -4.12 -21.84
N LYS A 267 -6.61 -3.80 -22.28
CA LYS A 267 -5.60 -4.81 -22.56
C LYS A 267 -4.53 -4.80 -21.48
N VAL A 268 -4.23 -5.96 -20.94
CA VAL A 268 -3.22 -6.08 -19.90
C VAL A 268 -2.13 -6.99 -20.44
N MET A 269 -0.88 -6.55 -20.32
CA MET A 269 0.25 -7.40 -20.61
CA MET A 269 0.26 -7.39 -20.61
C MET A 269 1.00 -7.67 -19.33
N VAL A 270 1.32 -8.94 -19.08
CA VAL A 270 2.16 -9.35 -17.97
C VAL A 270 3.45 -9.87 -18.58
N ALA A 271 4.56 -9.18 -18.31
CA ALA A 271 5.88 -9.57 -18.81
C ALA A 271 6.75 -10.00 -17.65
N LEU A 272 7.40 -11.15 -17.78
CA LEU A 272 8.38 -11.60 -16.81
C LEU A 272 9.76 -11.54 -17.44
N GLY A 273 10.61 -10.64 -16.93
CA GLY A 273 11.99 -10.54 -17.33
C GLY A 273 12.95 -11.09 -16.27
N GLU A 274 14.24 -10.85 -16.50
CA GLU A 274 15.25 -11.34 -15.57
C GLU A 274 15.16 -10.65 -14.21
N GLU A 275 14.77 -9.39 -14.20
CA GLU A 275 14.75 -8.59 -12.98
C GLU A 275 13.37 -8.04 -12.66
N ASP A 276 12.61 -7.65 -13.68
CA ASP A 276 11.30 -7.02 -13.51
C ASP A 276 10.20 -8.00 -13.85
N LEU A 277 9.10 -7.92 -13.11
CA LEU A 277 7.83 -8.47 -13.54
C LEU A 277 6.95 -7.26 -13.76
N SER A 278 6.57 -6.99 -15.00
CA SER A 278 5.88 -5.75 -15.36
C SER A 278 4.45 -6.05 -15.78
N ILE A 279 3.52 -5.21 -15.33
CA ILE A 279 2.11 -5.37 -15.65
C ILE A 279 1.62 -4.05 -16.24
N LYS A 280 1.34 -4.05 -17.53
CA LYS A 280 0.83 -2.86 -18.20
C LYS A 280 -0.66 -3.00 -18.44
N MET A 281 -1.43 -1.99 -18.05
CA MET A 281 -2.84 -1.88 -18.40
C MET A 281 -3.01 -0.71 -19.37
N SER A 282 -3.49 -1.01 -20.58
CA SER A 282 -3.68 -0.02 -21.65
C SER A 282 -5.17 0.17 -21.89
N ASP A 283 -5.62 1.41 -21.90
CA ASP A 283 -6.99 1.73 -22.25
C ASP A 283 -6.99 2.72 -23.40
N ARG A 284 -8.17 2.86 -24.02
CA ARG A 284 -8.40 3.87 -25.04
C ARG A 284 -9.44 4.86 -24.53
N GLY A 285 -9.28 5.27 -23.27
CA GLY A 285 -10.17 6.21 -22.62
C GLY A 285 -9.97 7.65 -22.99
N GLY A 286 -9.18 7.97 -24.01
CA GLY A 286 -8.99 9.35 -24.39
C GLY A 286 -7.80 10.03 -23.76
N GLY A 287 -7.25 9.46 -22.69
CA GLY A 287 -6.00 9.96 -22.15
C GLY A 287 -6.11 11.30 -21.45
N VAL A 288 -4.95 11.85 -21.13
CA VAL A 288 -4.84 13.09 -20.37
C VAL A 288 -3.56 13.84 -20.79
N PRO A 289 -3.56 15.16 -20.90
CA PRO A 289 -2.33 15.87 -21.22
C PRO A 289 -1.25 15.60 -20.18
N LEU A 290 0.00 15.56 -20.67
CA LEU A 290 1.15 15.32 -19.81
C LEU A 290 1.12 16.18 -18.54
N ARG A 291 0.83 17.47 -18.70
CA ARG A 291 0.82 18.41 -17.61
C ARG A 291 -0.07 17.97 -16.44
N LYS A 292 -1.06 17.12 -16.68
CA LYS A 292 -1.98 16.73 -15.62
C LYS A 292 -1.69 15.36 -15.02
N ILE A 293 -0.67 14.65 -15.50
CA ILE A 293 -0.39 13.31 -14.96
C ILE A 293 0.07 13.39 -13.52
N GLU A 294 1.00 14.29 -13.23
CA GLU A 294 1.60 14.33 -11.90
C GLU A 294 0.51 14.50 -10.82
N ARG A 295 -0.47 15.36 -11.05
CA ARG A 295 -1.46 15.66 -10.03
C ARG A 295 -2.27 14.43 -9.64
N LEU A 296 -2.36 13.45 -10.55
CA LEU A 296 -3.06 12.21 -10.20
C LEU A 296 -2.40 11.52 -9.02
N PHE A 297 -1.11 11.74 -8.80
CA PHE A 297 -0.49 11.10 -7.64
C PHE A 297 -0.39 12.01 -6.43
N SER A 298 -0.97 13.20 -6.50
CA SER A 298 -0.83 14.20 -5.45
C SER A 298 -1.94 14.02 -4.41
N TYR A 299 -1.53 13.91 -3.15
CA TYR A 299 -2.51 13.85 -2.06
C TYR A 299 -3.34 15.11 -2.01
N MET A 300 -2.72 16.25 -2.31
CA MET A 300 -3.42 17.52 -2.20
C MET A 300 -4.32 17.78 -3.40
N TYR A 301 -3.86 17.42 -4.59
CA TYR A 301 -4.69 17.68 -5.78
C TYR A 301 -5.76 16.62 -6.00
N SER A 302 -5.62 15.44 -5.38
CA SER A 302 -6.69 14.44 -5.33
C SER A 302 -7.61 14.70 -4.14
N THR A 303 -7.60 15.92 -3.63
CA THR A 303 -8.28 16.27 -2.38
C THR A 303 -9.21 17.43 -2.59
N GLY A 318 -15.21 5.90 -4.23
CA GLY A 318 -15.57 5.17 -3.02
C GLY A 318 -14.89 3.81 -2.89
N PHE A 319 -14.61 3.20 -4.03
CA PHE A 319 -13.98 1.89 -4.09
C PHE A 319 -12.53 2.03 -4.52
N GLY A 320 -11.63 1.38 -3.79
CA GLY A 320 -10.23 1.38 -4.14
C GLY A 320 -9.43 2.30 -3.24
N TYR A 321 -8.12 2.06 -3.21
CA TYR A 321 -7.22 2.78 -2.33
C TYR A 321 -6.74 4.11 -2.89
N GLY A 322 -6.98 4.39 -4.17
CA GLY A 322 -6.45 5.61 -4.77
C GLY A 322 -5.09 5.40 -5.41
N LEU A 323 -4.80 6.24 -6.40
CA LEU A 323 -3.53 6.17 -7.11
C LEU A 323 -2.32 6.47 -6.23
N PRO A 324 -2.30 7.52 -5.40
CA PRO A 324 -1.09 7.74 -4.58
C PRO A 324 -0.75 6.52 -3.73
N ILE A 325 -1.74 5.93 -3.05
CA ILE A 325 -1.49 4.80 -2.16
C ILE A 325 -1.18 3.55 -2.96
N SER A 326 -1.82 3.36 -4.12
CA SER A 326 -1.48 2.21 -4.95
C SER A 326 -0.01 2.22 -5.33
N ARG A 327 0.52 3.41 -5.67
CA ARG A 327 1.93 3.51 -6.00
C ARG A 327 2.81 3.14 -4.81
N LEU A 328 2.38 3.52 -3.59
CA LEU A 328 3.15 3.14 -2.41
C LEU A 328 3.19 1.62 -2.24
N TYR A 329 2.06 0.94 -2.50
CA TYR A 329 2.09 -0.53 -2.41
C TYR A 329 3.12 -1.10 -3.36
N ALA A 330 3.25 -0.52 -4.56
CA ALA A 330 4.26 -0.98 -5.52
C ALA A 330 5.65 -0.69 -4.99
N LYS A 331 5.86 0.51 -4.44
CA LYS A 331 7.17 0.89 -3.96
C LYS A 331 7.59 0.08 -2.73
N TYR A 332 6.62 -0.42 -1.96
CA TYR A 332 6.91 -1.05 -0.67
C TYR A 332 7.89 -2.21 -0.78
N PHE A 333 7.83 -2.99 -1.85
CA PHE A 333 8.80 -4.05 -2.07
C PHE A 333 9.72 -3.75 -3.25
N GLN A 334 10.10 -2.48 -3.41
CA GLN A 334 11.07 -1.98 -4.40
C GLN A 334 10.52 -1.96 -5.82
N GLY A 335 9.21 -1.90 -5.99
CA GLY A 335 8.60 -1.75 -7.29
C GLY A 335 8.26 -0.31 -7.57
N ASP A 336 7.36 -0.11 -8.53
CA ASP A 336 6.92 1.24 -8.87
C ASP A 336 5.63 1.12 -9.66
N LEU A 337 4.97 2.25 -9.83
CA LEU A 337 3.73 2.35 -10.59
C LEU A 337 3.82 3.65 -11.36
N GLN A 338 3.74 3.60 -12.68
CA GLN A 338 3.89 4.77 -13.51
C GLN A 338 2.75 4.88 -14.49
N LEU A 339 2.37 6.10 -14.82
CA LEU A 339 1.34 6.35 -15.81
C LEU A 339 1.97 7.10 -16.97
N PHE A 340 1.61 6.73 -18.20
CA PHE A 340 1.96 7.54 -19.36
CA PHE A 340 1.95 7.53 -19.37
C PHE A 340 0.79 7.52 -20.33
N SER A 341 0.44 8.69 -20.81
CA SER A 341 -0.78 8.84 -21.59
C SER A 341 -0.45 9.42 -22.96
N MET A 342 -1.38 9.24 -23.88
CA MET A 342 -1.35 9.90 -25.19
CA MET A 342 -1.34 9.93 -25.16
C MET A 342 -2.66 10.67 -25.27
N GLU A 343 -2.62 11.98 -25.01
CA GLU A 343 -3.85 12.75 -25.02
C GLU A 343 -4.54 12.59 -26.35
N GLY A 344 -5.84 12.29 -26.30
CA GLY A 344 -6.62 12.01 -27.48
C GLY A 344 -6.76 10.53 -27.78
N PHE A 345 -5.93 9.68 -27.17
CA PHE A 345 -5.99 8.25 -27.42
C PHE A 345 -6.30 7.46 -26.16
N GLY A 346 -5.43 7.49 -25.16
CA GLY A 346 -5.59 6.61 -24.02
C GLY A 346 -4.34 6.62 -23.15
N THR A 347 -4.31 5.70 -22.19
CA THR A 347 -3.33 5.73 -21.11
C THR A 347 -2.82 4.32 -20.85
N ASP A 348 -1.52 4.22 -20.60
CA ASP A 348 -0.89 2.99 -20.15
C ASP A 348 -0.51 3.17 -18.69
N ALA A 349 -0.88 2.20 -17.87
CA ALA A 349 -0.48 2.16 -16.46
C ALA A 349 0.42 0.95 -16.29
N VAL A 350 1.57 1.13 -15.67
CA VAL A 350 2.50 0.02 -15.53
C VAL A 350 2.86 -0.16 -14.07
N ILE A 351 2.61 -1.36 -13.56
CA ILE A 351 3.12 -1.82 -12.28
C ILE A 351 4.44 -2.53 -12.53
N TYR A 352 5.50 -2.05 -11.88
CA TYR A 352 6.81 -2.70 -11.92
C TYR A 352 7.03 -3.38 -10.58
N LEU A 353 7.20 -4.70 -10.60
CA LEU A 353 7.52 -5.47 -9.39
C LEU A 353 8.89 -6.13 -9.57
N LYS A 354 9.54 -6.44 -8.46
CA LYS A 354 10.75 -7.26 -8.53
C LYS A 354 10.36 -8.70 -8.84
N ALA A 355 11.00 -9.28 -9.87
CA ALA A 355 10.72 -10.66 -10.25
C ALA A 355 11.27 -11.65 -9.21
N LEU A 356 12.36 -11.30 -8.56
CA LEU A 356 13.07 -12.22 -7.68
C LEU A 356 12.79 -11.82 -6.25
N SER A 357 12.41 -12.80 -5.45
CA SER A 357 12.07 -12.52 -4.07
C SER A 357 13.28 -12.10 -3.25
N THR A 358 14.50 -12.35 -3.73
CA THR A 358 15.70 -11.80 -3.07
C THR A 358 15.81 -10.29 -3.24
N ASP A 359 15.26 -9.73 -4.32
CA ASP A 359 15.22 -8.29 -4.51
C ASP A 359 13.99 -7.65 -3.88
N SER A 360 13.05 -8.45 -3.36
CA SER A 360 11.79 -7.92 -2.82
C SER A 360 12.01 -7.60 -1.35
N VAL A 361 12.40 -6.36 -1.06
CA VAL A 361 12.78 -5.94 0.29
C VAL A 361 11.98 -4.71 0.65
N GLU A 362 11.45 -4.71 1.89
CA GLU A 362 10.69 -3.57 2.38
C GLU A 362 11.41 -2.28 2.13
N ARG A 363 10.70 -1.27 1.66
CA ARG A 363 11.22 0.08 1.57
C ARG A 363 10.62 0.85 2.74
N LEU A 364 11.48 1.27 3.66
CA LEU A 364 11.04 1.80 4.92
C LEU A 364 11.63 3.18 5.14
N PRO A 365 10.81 4.17 5.50
CA PRO A 365 11.34 5.49 5.88
C PRO A 365 12.10 5.41 7.19
N VAL A 366 13.17 6.20 7.29
CA VAL A 366 13.87 6.36 8.57
C VAL A 366 14.16 7.83 8.83
#